data_6D0C
#
_entry.id   6D0C
#
_cell.length_a   73.604
_cell.length_b   82.829
_cell.length_c   41.321
_cell.angle_alpha   90.000
_cell.angle_beta   106.640
_cell.angle_gamma   90.000
#
_symmetry.space_group_name_H-M   'C 1 2 1'
#
loop_
_entity.id
_entity.type
_entity.pdbx_description
1 polymer 'Endothelial PAS domain-containing protein 1'
2 polymer 'Aryl hydrocarbon receptor nuclear translocator'
3 water water
#
loop_
_entity_poly.entity_id
_entity_poly.type
_entity_poly.pdbx_seq_one_letter_code
_entity_poly.pdbx_strand_id
1 'polypeptide(L)'
;GEFKGLDSKTFLSEHSMDMKFTYCDDRITELIGYHPEELLGRSAYEFYHALDSENMTKSHQNLCTKGQVVSGQYRMLAKH
GGYVWLETQGTVIYNPRNLQPQCIMCVNYVLSEIEKN
;
A
2 'polypeptide(L)'
;GEFKGLNVCQPTRFISRHNIEGIFTFVDHRCVATVGYQPQELLGKNIVEFCHPEDQQLLRDSFQQVVKLKGQVLSVMFRF
RSKNQEWLWMRTSSFTFQNPYSDEIEYIICTNTNVKNSSQE
;
B
#
# COMPACT_ATOMS: atom_id res chain seq x y z
N PHE A 3 15.46 -11.26 26.12
CA PHE A 3 14.14 -10.71 26.64
C PHE A 3 14.12 -9.16 26.72
N LYS A 4 13.08 -8.56 26.17
CA LYS A 4 12.93 -7.09 26.14
C LYS A 4 11.85 -6.59 27.11
N GLY A 5 12.12 -5.46 27.79
CA GLY A 5 11.06 -4.86 28.63
C GLY A 5 10.01 -4.12 27.80
N LEU A 6 8.50 -4.04 28.29
CA LEU A 6 7.31 -3.56 27.54
C LEU A 6 7.56 -2.33 26.73
N ASP A 7 8.27 -1.37 27.31
CA ASP A 7 8.46 -0.09 26.59
C ASP A 7 9.27 -0.35 25.34
N SER A 8 10.21 -1.30 25.40
CA SER A 8 11.11 -1.42 24.28
C SER A 8 10.44 -2.11 23.12
N LYS A 9 9.25 -2.75 23.30
CA LYS A 9 8.57 -3.41 22.21
C LYS A 9 7.33 -2.62 21.74
N THR A 10 7.21 -1.38 22.18
CA THR A 10 6.08 -0.52 21.78
C THR A 10 6.65 0.67 21.01
N PHE A 11 5.87 1.10 19.98
CA PHE A 11 6.34 2.34 19.25
C PHE A 11 4.99 3.03 18.84
N LEU A 12 5.06 4.36 18.85
CA LEU A 12 3.85 5.13 18.43
C LEU A 12 4.08 5.52 16.98
N SER A 13 2.93 5.58 16.28
CA SER A 13 2.95 6.18 14.90
C SER A 13 1.77 7.03 14.70
N GLU A 14 1.88 7.98 13.80
CA GLU A 14 0.74 8.85 13.42
C GLU A 14 0.55 8.76 11.92
N HIS A 15 -0.68 8.80 11.52
CA HIS A 15 -1.05 8.59 10.11
C HIS A 15 -2.06 9.53 9.60
N SER A 16 -2.02 9.86 8.30
CA SER A 16 -3.24 10.49 7.77
C SER A 16 -4.34 9.46 7.67
N MET A 17 -5.52 9.93 7.27
CA MET A 17 -6.64 9.03 7.24
C MET A 17 -6.61 7.86 6.24
N ASP A 18 -5.73 7.97 5.25
CA ASP A 18 -5.44 6.91 4.31
C ASP A 18 -4.33 6.01 4.77
N MET A 19 -3.94 6.16 6.06
CA MET A 19 -2.84 5.40 6.70
C MET A 19 -1.41 5.66 6.25
N LYS A 20 -1.22 6.74 5.47
CA LYS A 20 0.12 7.12 5.22
C LYS A 20 0.79 7.58 6.55
N PHE A 21 2.01 7.14 6.78
CA PHE A 21 2.76 7.60 7.98
C PHE A 21 3.03 9.09 7.91
N THR A 22 2.71 9.79 9.00
CA THR A 22 3.11 11.19 9.17
C THR A 22 4.14 11.40 10.29
N TYR A 23 4.29 10.42 11.17
CA TYR A 23 5.27 10.46 12.21
C TYR A 23 5.47 9.01 12.64
N CYS A 24 6.68 8.69 13.06
CA CYS A 24 6.94 7.41 13.71
C CYS A 24 8.04 7.57 14.76
N ASP A 25 7.86 6.97 15.93
CA ASP A 25 8.84 6.94 16.98
C ASP A 25 10.09 6.17 16.54
N ASP A 26 11.27 6.63 17.01
CA ASP A 26 12.55 5.96 16.61
C ASP A 26 12.63 4.58 17.19
N ARG A 27 11.78 4.21 18.15
CA ARG A 27 11.79 2.85 18.65
C ARG A 27 11.60 1.77 17.58
N ILE A 28 10.91 2.11 16.48
CA ILE A 28 10.64 1.17 15.40
C ILE A 28 12.01 0.65 14.90
N THR A 29 13.05 1.48 14.90
CA THR A 29 14.36 1.04 14.24
C THR A 29 14.96 -0.21 14.86
N GLU A 30 14.99 -0.30 16.18
CA GLU A 30 15.53 -1.51 16.88
C GLU A 30 14.66 -2.72 16.65
N LEU A 31 13.36 -2.53 16.35
CA LEU A 31 12.45 -3.59 16.33
C LEU A 31 12.31 -4.20 14.95
N ILE A 32 12.20 -3.33 13.95
CA ILE A 32 11.67 -3.70 12.63
C ILE A 32 12.68 -3.18 11.56
N GLY A 33 13.64 -2.32 11.92
CA GLY A 33 14.68 -1.86 11.00
C GLY A 33 14.47 -0.54 10.32
N TYR A 34 13.22 -0.08 10.14
CA TYR A 34 13.00 1.15 9.45
C TYR A 34 13.48 2.42 10.18
N HIS A 35 13.97 3.37 9.43
CA HIS A 35 14.13 4.71 9.98
C HIS A 35 12.86 5.48 9.81
N PRO A 36 12.39 6.22 10.83
CA PRO A 36 11.12 6.96 10.67
C PRO A 36 11.08 7.75 9.41
N GLU A 37 12.20 8.41 9.06
CA GLU A 37 12.10 9.28 7.89
C GLU A 37 11.80 8.53 6.57
N GLU A 38 12.18 7.29 6.43
CA GLU A 38 11.89 6.52 5.20
C GLU A 38 10.43 6.07 5.15
N LEU A 39 9.73 6.14 6.29
CA LEU A 39 8.28 5.71 6.31
C LEU A 39 7.34 6.77 5.92
N LEU A 40 7.76 8.03 6.08
CA LEU A 40 6.81 9.17 5.90
C LEU A 40 6.34 9.14 4.50
N GLY A 41 5.04 9.24 4.36
CA GLY A 41 4.37 9.23 3.07
C GLY A 41 4.04 7.88 2.49
N ARG A 42 4.46 6.82 3.13
CA ARG A 42 4.16 5.45 2.70
C ARG A 42 2.87 5.07 3.48
N SER A 43 1.94 4.40 2.79
CA SER A 43 0.76 3.83 3.45
C SER A 43 1.23 2.68 4.29
N ALA A 44 0.67 2.54 5.51
CA ALA A 44 0.94 1.36 6.30
C ALA A 44 0.58 0.06 5.60
N TYR A 45 -0.45 0.11 4.74
CA TYR A 45 -0.88 -1.08 4.03
C TYR A 45 0.24 -1.70 3.18
N GLU A 46 1.23 -0.92 2.78
CA GLU A 46 2.40 -1.50 2.09
C GLU A 46 3.17 -2.51 2.89
N PHE A 47 2.98 -2.54 4.20
CA PHE A 47 3.78 -3.36 5.11
C PHE A 47 3.02 -4.55 5.72
N TYR A 48 1.72 -4.68 5.46
CA TYR A 48 0.89 -5.71 6.06
C TYR A 48 1.09 -6.98 5.26
N HIS A 49 1.22 -8.13 5.89
CA HIS A 49 1.21 -9.43 5.17
C HIS A 49 -0.05 -9.55 4.34
N ALA A 50 0.06 -10.22 3.14
CA ALA A 50 -1.09 -10.49 2.27
C ALA A 50 -2.23 -11.12 3.07
N LEU A 51 -1.88 -12.02 3.99
CA LEU A 51 -2.99 -12.79 4.62
C LEU A 51 -3.75 -11.99 5.66
N ASP A 52 -3.20 -10.82 6.00
CA ASP A 52 -3.84 -9.95 6.94
C ASP A 52 -4.50 -8.77 6.28
N SER A 53 -4.45 -8.68 4.95
CA SER A 53 -4.88 -7.44 4.29
C SER A 53 -6.36 -7.17 4.37
N GLU A 54 -7.16 -8.20 4.09
CA GLU A 54 -8.60 -8.07 4.16
C GLU A 54 -9.05 -7.74 5.58
N ASN A 55 -8.49 -8.39 6.60
CA ASN A 55 -8.77 -8.00 7.99
C ASN A 55 -8.36 -6.60 8.40
N MET A 56 -7.20 -6.14 7.97
CA MET A 56 -6.83 -4.75 8.25
C MET A 56 -7.72 -3.69 7.55
N THR A 57 -8.20 -3.98 6.32
CA THR A 57 -9.17 -3.12 5.62
C THR A 57 -10.44 -2.94 6.47
N LYS A 58 -10.96 -4.05 7.00
CA LYS A 58 -12.14 -4.04 7.90
C LYS A 58 -11.82 -3.31 9.17
N SER A 59 -10.66 -3.61 9.75
CA SER A 59 -10.24 -2.82 10.94
C SER A 59 -10.21 -1.29 10.73
N HIS A 60 -9.67 -0.84 9.59
CA HIS A 60 -9.64 0.60 9.24
C HIS A 60 -11.04 1.13 9.14
N GLN A 61 -11.97 0.40 8.51
CA GLN A 61 -13.37 0.91 8.37
C GLN A 61 -14.01 1.06 9.74
N ASN A 62 -13.75 0.09 10.62
CA ASN A 62 -14.24 0.18 12.00
C ASN A 62 -13.68 1.39 12.74
N LEU A 63 -12.39 1.68 12.55
CA LEU A 63 -11.80 2.84 13.18
C LEU A 63 -12.44 4.14 12.69
N CYS A 64 -12.72 4.19 11.37
CA CYS A 64 -13.23 5.44 10.76
C CYS A 64 -14.67 5.66 11.23
N THR A 65 -15.43 4.57 11.37
CA THR A 65 -16.82 4.66 11.86
C THR A 65 -16.97 4.94 13.37
N LYS A 66 -16.14 4.28 14.18
CA LYS A 66 -16.26 4.28 15.64
C LYS A 66 -15.33 5.27 16.37
N GLY A 67 -14.16 5.48 15.79
CA GLY A 67 -13.26 6.45 16.35
C GLY A 67 -12.04 5.81 17.03
N GLN A 68 -12.12 4.54 17.32
CA GLN A 68 -11.06 3.82 18.05
C GLN A 68 -11.19 2.41 17.64
N VAL A 69 -10.09 1.65 17.59
CA VAL A 69 -10.14 0.23 17.20
C VAL A 69 -8.97 -0.46 17.82
N VAL A 70 -9.07 -1.75 18.08
CA VAL A 70 -7.91 -2.60 18.36
C VAL A 70 -7.80 -3.54 17.17
N SER A 71 -6.60 -3.67 16.59
CA SER A 71 -6.44 -4.43 15.33
C SER A 71 -6.55 -5.93 15.47
N GLY A 72 -6.24 -6.48 16.62
CA GLY A 72 -6.09 -7.94 16.57
C GLY A 72 -4.73 -8.27 15.94
N GLN A 73 -4.32 -9.52 15.94
CA GLN A 73 -2.97 -9.81 15.58
C GLN A 73 -2.76 -9.77 14.11
N TYR A 74 -1.70 -9.08 13.69
CA TYR A 74 -1.31 -9.12 12.28
C TYR A 74 0.22 -9.13 12.11
N ARG A 75 0.67 -9.35 10.86
CA ARG A 75 2.06 -9.36 10.58
C ARG A 75 2.51 -8.13 9.79
N MET A 76 3.64 -7.55 10.20
CA MET A 76 4.23 -6.39 9.56
C MET A 76 5.62 -6.77 8.98
N LEU A 77 5.85 -6.41 7.70
CA LEU A 77 7.09 -6.70 7.00
C LEU A 77 8.23 -5.92 7.60
N ALA A 78 9.34 -6.57 7.95
CA ALA A 78 10.54 -5.84 8.54
C ALA A 78 11.47 -5.43 7.44
N LYS A 79 12.27 -4.42 7.71
CA LYS A 79 13.07 -3.77 6.65
C LYS A 79 13.95 -4.78 5.92
N HIS A 80 14.50 -5.70 6.68
CA HIS A 80 15.43 -6.67 6.09
C HIS A 80 14.79 -8.02 5.90
N GLY A 81 13.54 -8.01 5.40
CA GLY A 81 12.74 -9.23 5.19
C GLY A 81 12.36 -9.88 6.50
N GLY A 82 11.40 -10.78 6.44
CA GLY A 82 10.88 -11.35 7.63
C GLY A 82 9.63 -10.52 7.96
N TYR A 83 8.79 -11.10 8.81
CA TYR A 83 7.62 -10.43 9.39
C TYR A 83 7.64 -10.51 10.90
N VAL A 84 7.14 -9.48 11.58
CA VAL A 84 6.90 -9.58 13.03
C VAL A 84 5.40 -9.60 13.26
N TRP A 85 4.91 -10.29 14.29
CA TRP A 85 3.54 -10.14 14.74
C TRP A 85 3.42 -8.89 15.58
N LEU A 86 2.33 -8.13 15.39
CA LEU A 86 2.05 -6.90 16.10
C LEU A 86 0.59 -6.89 16.42
N GLU A 87 0.26 -6.03 17.39
CA GLU A 87 -1.10 -5.61 17.58
C GLU A 87 -1.06 -4.08 17.74
N THR A 88 -2.08 -3.42 17.20
CA THR A 88 -2.17 -1.96 17.25
C THR A 88 -3.53 -1.46 17.79
N GLN A 89 -3.45 -0.47 18.66
CA GLN A 89 -4.65 0.27 19.09
C GLN A 89 -4.60 1.54 18.25
N GLY A 90 -5.65 1.81 17.48
CA GLY A 90 -5.76 3.06 16.66
C GLY A 90 -6.82 3.98 17.24
N THR A 91 -6.58 5.28 17.15
CA THR A 91 -7.52 6.27 17.61
C THR A 91 -7.55 7.43 16.67
N VAL A 92 -8.74 7.89 16.28
CA VAL A 92 -8.82 9.01 15.40
C VAL A 92 -8.87 10.29 16.21
N ILE A 93 -8.15 11.25 15.76
CA ILE A 93 -8.11 12.53 16.46
C ILE A 93 -8.96 13.42 15.53
N TYR A 94 -10.05 14.01 16.12
CA TYR A 94 -11.06 14.76 15.32
C TYR A 94 -10.97 16.24 15.71
N ASN A 95 -11.55 17.14 14.93
CA ASN A 95 -11.33 18.55 15.28
C ASN A 95 -12.43 19.39 16.01
N PRO A 96 -12.62 20.65 15.55
CA PRO A 96 -13.50 21.55 16.27
C PRO A 96 -14.96 21.08 16.23
N PRO A 101 -12.32 14.27 10.86
CA PRO A 101 -11.15 13.55 11.37
C PRO A 101 -9.85 14.23 10.94
N GLN A 102 -8.83 14.35 11.82
CA GLN A 102 -7.55 14.98 11.51
C GLN A 102 -6.36 14.04 11.22
N CYS A 103 -6.27 13.02 12.04
CA CYS A 103 -5.16 12.03 11.91
C CYS A 103 -5.49 10.85 12.78
N ILE A 104 -4.75 9.75 12.56
CA ILE A 104 -4.87 8.50 13.28
C ILE A 104 -3.62 8.29 14.12
N MET A 105 -3.79 8.01 15.43
CA MET A 105 -2.70 7.76 16.37
C MET A 105 -2.73 6.27 16.68
N CYS A 106 -1.60 5.62 16.45
CA CYS A 106 -1.39 4.15 16.64
C CYS A 106 -0.41 3.85 17.69
N VAL A 107 -0.83 3.01 18.68
CA VAL A 107 0.13 2.45 19.61
C VAL A 107 0.34 1.00 19.20
N ASN A 108 1.59 0.71 18.78
CA ASN A 108 1.91 -0.57 18.16
C ASN A 108 2.76 -1.36 19.12
N TYR A 109 2.37 -2.59 19.36
CA TYR A 109 3.09 -3.49 20.29
CA TYR A 109 3.19 -3.39 20.24
C TYR A 109 3.51 -4.75 19.56
N VAL A 110 4.79 -5.05 19.58
CA VAL A 110 5.39 -6.22 18.89
C VAL A 110 5.15 -7.45 19.78
N LEU A 111 4.60 -8.51 19.19
CA LEU A 111 4.21 -9.80 19.84
C LEU A 111 5.25 -10.90 19.50
N SER A 112 6.24 -10.60 18.67
CA SER A 112 7.22 -11.61 18.22
C SER A 112 8.56 -11.07 17.69
N GLU A 113 9.55 -11.98 17.58
CA GLU A 113 10.80 -11.70 16.83
C GLU A 113 10.50 -11.67 15.35
N ILE A 114 11.40 -11.12 14.56
CA ILE A 114 11.31 -11.22 13.10
C ILE A 114 11.35 -12.72 12.77
N GLU A 115 10.40 -13.15 11.94
CA GLU A 115 10.27 -14.55 11.53
C GLU A 115 10.47 -14.62 10.03
N CYS B 9 -7.64 -16.91 -27.17
CA CYS B 9 -8.14 -16.75 -25.76
C CYS B 9 -7.76 -15.35 -25.35
N GLN B 10 -8.75 -14.54 -24.93
CA GLN B 10 -8.52 -13.14 -24.59
C GLN B 10 -7.80 -13.04 -23.21
N PRO B 11 -6.63 -12.40 -23.19
CA PRO B 11 -5.94 -12.22 -21.88
C PRO B 11 -6.83 -11.42 -20.90
N THR B 12 -6.71 -11.61 -19.59
CA THR B 12 -7.69 -10.86 -18.72
C THR B 12 -6.92 -9.58 -18.29
N ARG B 13 -7.52 -8.44 -18.59
CA ARG B 13 -6.88 -7.10 -18.33
C ARG B 13 -7.87 -6.04 -17.97
N PHE B 14 -7.36 -5.03 -17.28
CA PHE B 14 -8.21 -3.81 -17.07
C PHE B 14 -7.32 -2.59 -17.08
N ILE B 15 -7.93 -1.49 -17.47
CA ILE B 15 -7.25 -0.22 -17.47
C ILE B 15 -7.38 0.56 -16.16
N SER B 16 -6.32 1.27 -15.78
CA SER B 16 -6.41 2.26 -14.66
C SER B 16 -5.65 3.51 -14.99
N ARG B 17 -6.05 4.57 -14.28
CA ARG B 17 -5.28 5.85 -14.36
C ARG B 17 -4.76 6.10 -12.96
N HIS B 18 -3.53 6.63 -12.91
CA HIS B 18 -2.87 6.91 -11.61
C HIS B 18 -2.33 8.35 -11.62
N ASN B 19 -2.31 8.98 -10.44
CA ASN B 19 -1.40 10.11 -10.30
C ASN B 19 0.04 9.71 -10.29
N ILE B 20 0.91 10.69 -10.30
CA ILE B 20 2.27 10.30 -10.53
C ILE B 20 2.88 9.59 -9.28
N GLU B 21 2.23 9.71 -8.13
CA GLU B 21 2.58 8.97 -6.95
C GLU B 21 2.16 7.52 -6.98
N GLY B 22 1.34 7.14 -7.95
CA GLY B 22 0.83 5.74 -7.97
C GLY B 22 -0.60 5.50 -7.51
N ILE B 23 -1.29 6.53 -7.03
CA ILE B 23 -2.68 6.37 -6.53
C ILE B 23 -3.66 6.09 -7.65
N PHE B 24 -4.50 5.06 -7.55
CA PHE B 24 -5.58 4.81 -8.53
C PHE B 24 -6.55 5.97 -8.51
N THR B 25 -6.70 6.63 -9.65
CA THR B 25 -7.75 7.73 -9.79
C THR B 25 -8.85 7.35 -10.72
N PHE B 26 -8.73 6.24 -11.45
CA PHE B 26 -9.76 5.75 -12.37
C PHE B 26 -9.48 4.26 -12.48
N VAL B 27 -10.50 3.44 -12.31
CA VAL B 27 -10.34 2.00 -12.43
C VAL B 27 -11.50 1.44 -13.33
N ASP B 28 -11.19 0.74 -14.41
CA ASP B 28 -12.09 0.02 -15.33
C ASP B 28 -12.68 -1.18 -14.60
N HIS B 29 -14.00 -1.36 -14.66
CA HIS B 29 -14.70 -2.47 -13.94
C HIS B 29 -14.27 -3.87 -14.38
N ARG B 30 -13.52 -3.99 -15.49
CA ARG B 30 -12.85 -5.26 -15.78
C ARG B 30 -11.90 -5.74 -14.68
N CYS B 31 -11.60 -4.86 -13.75
CA CYS B 31 -10.74 -5.28 -12.61
C CYS B 31 -11.43 -6.37 -11.79
N VAL B 32 -12.76 -6.44 -11.79
CA VAL B 32 -13.37 -7.43 -10.89
C VAL B 32 -13.02 -8.82 -11.44
N ALA B 33 -13.14 -9.05 -12.75
CA ALA B 33 -12.74 -10.31 -13.30
C ALA B 33 -11.21 -10.65 -13.29
N THR B 34 -10.35 -9.60 -13.30
CA THR B 34 -8.91 -9.72 -13.42
C THR B 34 -8.32 -9.98 -11.99
N VAL B 35 -8.72 -9.20 -10.98
CA VAL B 35 -8.10 -9.31 -9.65
C VAL B 35 -9.08 -9.49 -8.50
N GLY B 36 -10.39 -9.39 -8.82
CA GLY B 36 -11.47 -9.63 -7.88
C GLY B 36 -12.03 -8.51 -7.03
N TYR B 37 -11.39 -7.36 -7.04
CA TYR B 37 -11.89 -6.19 -6.38
C TYR B 37 -12.85 -5.41 -7.18
N GLN B 38 -13.78 -4.77 -6.46
CA GLN B 38 -14.61 -3.70 -7.09
C GLN B 38 -13.73 -2.50 -7.32
N PRO B 39 -14.02 -1.67 -8.34
CA PRO B 39 -13.24 -0.43 -8.56
C PRO B 39 -13.12 0.40 -7.31
N GLN B 40 -14.18 0.53 -6.52
CA GLN B 40 -14.09 1.33 -5.30
C GLN B 40 -13.11 0.80 -4.26
N GLU B 41 -12.77 -0.48 -4.33
CA GLU B 41 -11.77 -1.04 -3.42
C GLU B 41 -10.34 -0.73 -3.87
N LEU B 42 -10.25 -0.21 -5.08
CA LEU B 42 -8.91 0.17 -5.54
C LEU B 42 -8.74 1.71 -5.58
N LEU B 43 -9.81 2.42 -5.97
CA LEU B 43 -9.79 3.91 -6.09
C LEU B 43 -9.29 4.58 -4.82
N GLY B 44 -8.27 5.44 -4.93
CA GLY B 44 -7.72 6.17 -3.76
C GLY B 44 -6.62 5.46 -3.01
N LYS B 45 -6.30 4.21 -3.40
CA LYS B 45 -5.16 3.54 -2.87
C LYS B 45 -4.03 3.50 -3.87
N ASN B 46 -2.85 3.39 -3.33
CA ASN B 46 -1.66 3.28 -4.12
C ASN B 46 -1.56 1.86 -4.68
N ILE B 47 -1.24 1.76 -5.99
CA ILE B 47 -1.04 0.41 -6.53
C ILE B 47 0.04 -0.41 -5.77
N VAL B 48 1.00 0.30 -5.16
CA VAL B 48 2.03 -0.34 -4.35
C VAL B 48 1.47 -1.08 -3.10
N GLU B 49 0.28 -0.68 -2.69
CA GLU B 49 -0.37 -1.37 -1.56
C GLU B 49 -0.82 -2.80 -1.96
N PHE B 50 -0.84 -3.08 -3.23
CA PHE B 50 -1.36 -4.41 -3.66
C PHE B 50 -0.23 -5.22 -4.18
N CYS B 51 1.02 -4.73 -4.09
CA CYS B 51 2.19 -5.30 -4.67
C CYS B 51 3.00 -6.12 -3.68
N HIS B 52 3.52 -7.25 -4.15
CA HIS B 52 4.35 -8.15 -3.31
C HIS B 52 5.54 -7.32 -2.78
N PRO B 53 6.00 -7.57 -1.53
CA PRO B 53 7.08 -6.77 -1.01
C PRO B 53 8.44 -6.80 -1.81
N GLU B 54 8.72 -7.92 -2.47
CA GLU B 54 9.93 -8.05 -3.30
C GLU B 54 9.84 -7.16 -4.53
N ASP B 55 8.62 -6.86 -4.98
CA ASP B 55 8.44 -6.04 -6.18
C ASP B 55 8.10 -4.58 -5.96
N GLN B 56 7.83 -4.14 -4.70
CA GLN B 56 7.37 -2.81 -4.46
C GLN B 56 8.32 -1.77 -4.96
N GLN B 57 9.64 -1.96 -4.68
CA GLN B 57 10.57 -0.86 -5.05
C GLN B 57 10.65 -0.73 -6.57
N LEU B 58 10.65 -1.87 -7.27
CA LEU B 58 10.60 -1.88 -8.77
C LEU B 58 9.42 -1.10 -9.25
N LEU B 59 8.24 -1.39 -8.65
CA LEU B 59 7.06 -0.71 -9.15
C LEU B 59 7.09 0.84 -8.85
N ARG B 60 7.59 1.19 -7.64
CA ARG B 60 7.84 2.62 -7.34
C ARG B 60 8.79 3.31 -8.36
N ASP B 61 9.88 2.62 -8.66
CA ASP B 61 10.85 3.16 -9.52
C ASP B 61 10.34 3.24 -10.95
N SER B 62 9.42 2.35 -11.31
CA SER B 62 8.81 2.37 -12.67
C SER B 62 7.89 3.57 -12.79
N PHE B 63 7.05 3.84 -11.74
CA PHE B 63 6.23 5.00 -11.80
C PHE B 63 7.08 6.26 -11.90
N GLN B 64 8.16 6.30 -11.15
CA GLN B 64 9.07 7.44 -11.21
C GLN B 64 9.67 7.62 -12.58
N GLN B 65 10.06 6.54 -13.29
CA GLN B 65 10.69 6.75 -14.57
C GLN B 65 9.69 7.00 -15.69
N VAL B 66 8.43 6.46 -15.61
CA VAL B 66 7.58 6.58 -16.83
C VAL B 66 7.35 8.07 -17.17
N VAL B 67 7.47 8.93 -16.15
CA VAL B 67 7.26 10.39 -16.45
C VAL B 67 8.46 11.00 -17.16
N LYS B 68 9.58 10.29 -17.20
CA LYS B 68 10.84 10.84 -17.85
C LYS B 68 10.98 10.37 -19.31
N LEU B 69 10.05 9.52 -19.72
CA LEU B 69 10.22 8.79 -20.97
C LEU B 69 9.41 9.39 -22.15
N LYS B 70 9.08 10.69 -22.05
CA LYS B 70 8.49 11.42 -23.21
C LYS B 70 7.23 10.70 -23.74
N GLY B 71 6.37 10.27 -22.82
CA GLY B 71 5.20 9.56 -23.22
C GLY B 71 5.29 8.15 -23.80
N GLN B 72 6.49 7.54 -23.85
CA GLN B 72 6.65 6.19 -24.38
C GLN B 72 6.17 5.12 -23.32
N VAL B 73 5.92 3.89 -23.74
CA VAL B 73 5.42 2.84 -22.87
C VAL B 73 6.55 2.29 -22.01
N LEU B 74 6.26 2.16 -20.74
CA LEU B 74 7.15 1.40 -19.85
C LEU B 74 6.30 0.23 -19.31
N SER B 75 6.92 -0.96 -19.32
CA SER B 75 6.25 -2.14 -18.83
C SER B 75 6.92 -2.58 -17.52
N VAL B 76 6.16 -3.20 -16.66
CA VAL B 76 6.74 -3.77 -15.44
C VAL B 76 5.93 -5.04 -15.12
N MET B 77 6.58 -6.08 -14.60
CA MET B 77 5.89 -7.26 -14.14
C MET B 77 6.01 -7.33 -12.65
N PHE B 78 4.92 -7.62 -12.00
CA PHE B 78 4.95 -7.73 -10.54
C PHE B 78 3.81 -8.55 -10.03
N ARG B 79 3.91 -9.00 -8.79
CA ARG B 79 2.93 -9.81 -8.19
C ARG B 79 1.89 -8.96 -7.46
N PHE B 80 0.62 -9.11 -7.82
CA PHE B 80 -0.52 -8.32 -7.36
C PHE B 80 -1.38 -9.18 -6.49
N ARG B 81 -1.66 -8.68 -5.30
CA ARG B 81 -2.53 -9.43 -4.36
C ARG B 81 -3.99 -9.40 -4.78
N SER B 82 -4.54 -10.58 -5.17
CA SER B 82 -5.98 -10.58 -5.51
C SER B 82 -6.90 -10.50 -4.33
N LYS B 83 -8.17 -10.34 -4.59
CA LYS B 83 -9.14 -10.24 -3.52
C LYS B 83 -9.17 -11.54 -2.72
N ASN B 84 -8.72 -12.60 -3.32
CA ASN B 84 -8.57 -13.86 -2.54
C ASN B 84 -7.22 -13.95 -1.76
N GLN B 85 -6.51 -12.85 -1.62
CA GLN B 85 -5.22 -12.80 -0.99
C GLN B 85 -4.15 -13.67 -1.64
N GLU B 86 -4.31 -13.98 -2.95
CA GLU B 86 -3.29 -14.77 -3.68
C GLU B 86 -2.44 -13.91 -4.60
N TRP B 87 -1.24 -14.27 -4.78
CA TRP B 87 -0.30 -13.49 -5.69
C TRP B 87 -0.49 -13.83 -7.15
N LEU B 88 -0.95 -12.83 -7.97
CA LEU B 88 -1.13 -13.04 -9.39
C LEU B 88 -0.04 -12.27 -10.12
N TRP B 89 0.67 -12.81 -11.11
CA TRP B 89 1.58 -12.06 -11.88
C TRP B 89 0.78 -11.16 -12.78
N MET B 90 1.19 -9.91 -12.74
CA MET B 90 0.66 -8.85 -13.63
C MET B 90 1.74 -8.22 -14.45
N ARG B 91 1.43 -7.91 -15.71
CA ARG B 91 2.26 -7.12 -16.54
C ARG B 91 1.49 -5.80 -16.74
N THR B 92 2.02 -4.72 -16.21
CA THR B 92 1.43 -3.38 -16.36
C THR B 92 2.20 -2.62 -17.39
N SER B 93 1.51 -2.14 -18.43
CA SER B 93 2.13 -1.32 -19.47
C SER B 93 1.63 0.12 -19.25
N SER B 94 2.51 1.05 -19.02
CA SER B 94 2.03 2.38 -18.63
C SER B 94 2.65 3.43 -19.52
N PHE B 95 1.93 4.55 -19.60
CA PHE B 95 2.51 5.75 -20.27
C PHE B 95 1.87 7.01 -19.77
N THR B 96 2.56 8.12 -19.92
CA THR B 96 1.98 9.36 -19.32
C THR B 96 1.06 10.03 -20.40
N PHE B 97 0.09 10.77 -19.90
CA PHE B 97 -0.68 11.64 -20.85
C PHE B 97 -0.76 13.01 -20.19
N GLN B 98 -0.62 13.97 -21.07
CA GLN B 98 -0.72 15.39 -20.76
C GLN B 98 -1.44 16.02 -21.95
N ASN B 99 -2.51 16.76 -21.74
CA ASN B 99 -3.24 17.37 -22.88
C ASN B 99 -2.42 18.59 -23.28
N PRO B 100 -2.00 18.65 -24.54
CA PRO B 100 -1.02 19.58 -25.01
C PRO B 100 -1.60 21.02 -25.05
N TYR B 101 -2.92 21.10 -24.96
CA TYR B 101 -3.51 22.50 -24.88
C TYR B 101 -3.38 23.03 -23.48
N SER B 102 -2.81 22.25 -22.52
CA SER B 102 -2.79 22.64 -21.10
C SER B 102 -1.41 22.49 -20.49
N ASP B 103 -1.23 23.01 -19.27
CA ASP B 103 -0.03 22.71 -18.55
C ASP B 103 -0.50 22.02 -17.27
N GLU B 104 -1.53 21.19 -17.37
CA GLU B 104 -1.95 20.39 -16.21
C GLU B 104 -0.96 19.21 -16.00
N ILE B 105 -0.84 18.82 -14.72
CA ILE B 105 0.14 17.78 -14.34
C ILE B 105 -0.23 16.50 -15.10
N GLU B 106 0.78 15.86 -15.66
CA GLU B 106 0.54 14.64 -16.40
C GLU B 106 0.02 13.59 -15.40
N TYR B 107 -0.68 12.67 -15.97
CA TYR B 107 -1.10 11.45 -15.19
C TYR B 107 -0.69 10.22 -15.98
N ILE B 108 -0.83 9.04 -15.40
CA ILE B 108 -0.25 7.82 -15.99
C ILE B 108 -1.47 6.88 -16.32
N ILE B 109 -1.46 6.34 -17.53
CA ILE B 109 -2.51 5.42 -17.97
C ILE B 109 -1.88 4.02 -17.98
N CYS B 110 -2.51 3.06 -17.32
CA CYS B 110 -1.95 1.69 -17.28
C CYS B 110 -2.91 0.69 -17.86
N THR B 111 -2.34 -0.32 -18.52
CA THR B 111 -3.12 -1.48 -18.86
C THR B 111 -2.54 -2.65 -18.05
N ASN B 112 -3.34 -3.38 -17.32
CA ASN B 112 -2.88 -4.36 -16.27
C ASN B 112 -3.36 -5.74 -16.74
N THR B 113 -2.41 -6.66 -17.10
CA THR B 113 -2.80 -7.96 -17.68
C THR B 113 -2.31 -9.04 -16.72
N ASN B 114 -3.17 -10.06 -16.38
CA ASN B 114 -2.63 -11.25 -15.70
C ASN B 114 -1.84 -12.16 -16.66
N VAL B 115 -0.59 -12.38 -16.37
CA VAL B 115 0.34 -13.04 -17.27
C VAL B 115 0.99 -14.21 -16.55
N LYS B 116 1.62 -15.09 -17.35
CA LYS B 116 2.44 -16.20 -16.82
C LYS B 116 3.82 -15.78 -16.51
N ASN B 117 4.36 -16.27 -15.39
CA ASN B 117 5.80 -16.19 -15.19
C ASN B 117 6.41 -17.56 -15.49
N SER B 118 6.70 -17.75 -16.78
CA SER B 118 7.12 -19.07 -17.33
C SER B 118 8.21 -18.80 -18.33
#